data_6F9K
#
_entry.id   6F9K
#
_cell.length_a   53.146
_cell.length_b   53.146
_cell.length_c   90.823
_cell.angle_alpha   90.000
_cell.angle_beta   90.000
_cell.angle_gamma   90.000
#
_symmetry.space_group_name_H-M   'P 43 2 2'
#
loop_
_entity.id
_entity.type
_entity.pdbx_description
1 polymer 'Trp operon repressor'
2 non-polymer 5-methyl-L-tryptophan
3 non-polymer 'SULFATE ION'
4 water water
#
_entity_poly.entity_id   1
_entity_poly.type   'polypeptide(L)'
_entity_poly.pdbx_seq_one_letter_code
;MAQQSPYSAAMAEQRHQEWLRFVDLLKNAYQNDLHLPLLNLMLTPDEREALGTRVRIVEELLRGEMSQRELKNELGAGIA
TITRGSNSLKAAPVELRQWLEEVLLKSDLEHHHHHH
;
_entity_poly.pdbx_strand_id   A
#
# COMPACT_ATOMS: atom_id res chain seq x y z
N GLN A 3 -25.95 7.90 -13.47
CA GLN A 3 -25.42 7.57 -12.16
C GLN A 3 -25.00 8.82 -11.39
N GLN A 4 -24.69 8.63 -10.11
CA GLN A 4 -24.39 9.76 -9.24
C GLN A 4 -22.93 10.19 -9.44
N SER A 5 -22.64 11.38 -8.96
CA SER A 5 -21.26 11.82 -9.01
C SER A 5 -20.38 10.94 -8.12
N PRO A 6 -19.19 10.56 -8.59
CA PRO A 6 -18.24 9.88 -7.71
C PRO A 6 -17.77 10.75 -6.54
N TYR A 7 -18.02 12.05 -6.58
CA TYR A 7 -17.50 12.98 -5.58
C TYR A 7 -18.53 13.35 -4.51
N SER A 8 -19.71 12.75 -4.54
CA SER A 8 -20.72 13.08 -3.54
C SER A 8 -20.40 12.42 -2.20
N ALA A 9 -20.95 13.02 -1.14
CA ALA A 9 -20.86 12.41 0.19
C ALA A 9 -21.46 11.02 0.21
N ALA A 10 -22.56 10.82 -0.50
CA ALA A 10 -23.23 9.51 -0.50
C ALA A 10 -22.33 8.46 -1.09
N MET A 11 -21.68 8.75 -2.20
CA MET A 11 -20.77 7.78 -2.79
CA MET A 11 -20.77 7.79 -2.79
C MET A 11 -19.52 7.61 -1.92
N ALA A 12 -19.07 8.67 -1.26
CA ALA A 12 -17.95 8.51 -0.35
C ALA A 12 -18.32 7.57 0.80
N GLU A 13 -19.52 7.71 1.35
CA GLU A 13 -19.93 6.87 2.45
C GLU A 13 -20.07 5.43 1.98
N GLN A 14 -20.65 5.24 0.80
CA GLN A 14 -20.78 3.88 0.26
C GLN A 14 -19.42 3.25 0.06
N ARG A 15 -18.50 3.97 -0.59
CA ARG A 15 -17.18 3.38 -0.81
CA ARG A 15 -17.20 3.37 -0.81
C ARG A 15 -16.43 3.17 0.49
N HIS A 16 -16.64 4.04 1.48
CA HIS A 16 -15.95 3.84 2.77
C HIS A 16 -16.46 2.58 3.47
N GLN A 17 -17.79 2.37 3.52
CA GLN A 17 -18.33 1.21 4.22
C GLN A 17 -17.97 -0.08 3.50
N GLU A 18 -17.99 -0.07 2.16
CA GLU A 18 -17.62 -1.27 1.41
C GLU A 18 -16.15 -1.60 1.59
N TRP A 19 -15.30 -0.58 1.61
CA TRP A 19 -13.88 -0.77 1.88
C TRP A 19 -13.66 -1.47 3.22
N LEU A 20 -14.35 -1.01 4.27
CA LEU A 20 -14.16 -1.60 5.58
C LEU A 20 -14.63 -3.04 5.61
N ARG A 21 -15.67 -3.37 4.85
CA ARG A 21 -16.05 -4.78 4.72
C ARG A 21 -14.93 -5.60 4.10
N PHE A 22 -14.27 -5.08 3.07
CA PHE A 22 -13.11 -5.77 2.53
C PHE A 22 -12.03 -5.95 3.58
N VAL A 23 -11.73 -4.88 4.33
CA VAL A 23 -10.67 -4.95 5.33
C VAL A 23 -10.95 -6.05 6.35
N ASP A 24 -12.22 -6.16 6.77
CA ASP A 24 -12.56 -7.15 7.77
C ASP A 24 -12.53 -8.57 7.19
N LEU A 25 -12.97 -8.73 5.93
CA LEU A 25 -12.90 -10.04 5.31
C LEU A 25 -11.45 -10.49 5.18
N LEU A 26 -10.57 -9.57 4.78
CA LEU A 26 -9.15 -9.94 4.66
C LEU A 26 -8.53 -10.25 6.01
N LYS A 27 -8.91 -9.54 7.08
CA LYS A 27 -8.45 -9.90 8.42
C LYS A 27 -8.80 -11.35 8.71
N ASN A 28 -10.05 -11.71 8.46
CA ASN A 28 -10.47 -13.08 8.74
CA ASN A 28 -10.51 -13.08 8.71
C ASN A 28 -9.75 -14.07 7.85
N ALA A 29 -9.46 -13.71 6.59
CA ALA A 29 -8.69 -14.60 5.73
C ALA A 29 -7.29 -14.86 6.28
N TYR A 30 -6.60 -13.79 6.73
CA TYR A 30 -5.29 -13.98 7.32
C TYR A 30 -5.37 -14.92 8.52
N GLN A 31 -6.44 -14.81 9.32
CA GLN A 31 -6.56 -15.64 10.52
C GLN A 31 -6.75 -17.11 10.16
N ASN A 32 -7.28 -17.39 8.98
CA ASN A 32 -7.50 -18.76 8.51
C ASN A 32 -6.51 -19.19 7.44
N ASP A 33 -5.44 -18.40 7.21
CA ASP A 33 -4.43 -18.73 6.22
C ASP A 33 -5.01 -18.81 4.81
N LEU A 34 -6.02 -18.00 4.51
CA LEU A 34 -6.62 -17.92 3.19
C LEU A 34 -6.37 -16.58 2.53
N HIS A 35 -5.48 -15.76 3.10
CA HIS A 35 -5.20 -14.45 2.54
C HIS A 35 -4.64 -14.54 1.12
N LEU A 36 -3.76 -15.50 0.83
CA LEU A 36 -3.21 -15.53 -0.52
C LEU A 36 -4.28 -15.85 -1.56
N PRO A 37 -5.11 -16.89 -1.41
CA PRO A 37 -6.19 -17.05 -2.40
C PRO A 37 -7.21 -15.91 -2.40
N LEU A 38 -7.53 -15.32 -1.25
CA LEU A 38 -8.44 -14.18 -1.28
C LEU A 38 -7.85 -13.05 -2.10
N LEU A 39 -6.58 -12.77 -1.91
CA LEU A 39 -6.00 -11.65 -2.63
C LEU A 39 -5.81 -11.96 -4.11
N ASN A 40 -5.63 -13.23 -4.48
CA ASN A 40 -5.60 -13.57 -5.90
C ASN A 40 -6.99 -13.41 -6.52
N LEU A 41 -8.05 -13.69 -5.76
CA LEU A 41 -9.40 -13.41 -6.20
C LEU A 41 -9.66 -11.91 -6.37
N MET A 42 -9.26 -11.10 -5.38
CA MET A 42 -9.71 -9.72 -5.29
C MET A 42 -8.85 -8.72 -6.07
N LEU A 43 -7.63 -9.09 -6.45
CA LEU A 43 -6.68 -8.23 -7.15
C LEU A 43 -6.25 -8.86 -8.47
N THR A 44 -5.80 -8.03 -9.41
CA THR A 44 -5.21 -8.49 -10.67
C THR A 44 -3.72 -8.66 -10.49
N PRO A 45 -3.06 -9.31 -11.46
CA PRO A 45 -1.59 -9.38 -11.40
C PRO A 45 -0.93 -8.01 -11.36
N ASP A 46 -1.42 -7.05 -12.14
CA ASP A 46 -0.81 -5.73 -12.18
C ASP A 46 -0.93 -5.04 -10.83
N GLU A 47 -2.05 -5.24 -10.14
CA GLU A 47 -2.28 -4.64 -8.84
C GLU A 47 -1.37 -5.23 -7.79
N ARG A 48 -1.15 -6.55 -7.84
CA ARG A 48 -0.21 -7.17 -6.93
C ARG A 48 1.21 -6.68 -7.23
N GLU A 49 1.55 -6.54 -8.51
CA GLU A 49 2.85 -6.01 -8.90
C GLU A 49 3.03 -4.60 -8.35
N ALA A 50 2.01 -3.76 -8.46
CA ALA A 50 2.12 -2.38 -8.00
C ALA A 50 2.35 -2.34 -6.50
N LEU A 51 1.61 -3.16 -5.74
CA LEU A 51 1.77 -3.18 -4.30
C LEU A 51 3.16 -3.67 -3.89
N GLY A 52 3.73 -4.64 -4.62
CA GLY A 52 5.09 -5.07 -4.35
C GLY A 52 6.09 -3.96 -4.62
N THR A 53 5.88 -3.23 -5.72
CA THR A 53 6.78 -2.12 -6.03
C THR A 53 6.70 -1.05 -4.97
N ARG A 54 5.47 -0.69 -4.56
CA ARG A 54 5.25 0.36 -3.58
C ARG A 54 5.88 -0.01 -2.25
N VAL A 55 5.82 -1.28 -1.85
CA VAL A 55 6.41 -1.62 -0.56
C VAL A 55 7.92 -1.48 -0.60
N ARG A 56 8.54 -1.85 -1.72
CA ARG A 56 9.98 -1.70 -1.86
C ARG A 56 10.37 -0.23 -1.87
N ILE A 57 9.59 0.61 -2.57
CA ILE A 57 9.83 2.07 -2.54
C ILE A 57 9.79 2.56 -1.10
N VAL A 58 8.76 2.19 -0.34
CA VAL A 58 8.65 2.62 1.06
C VAL A 58 9.89 2.19 1.84
N GLU A 59 10.30 0.93 1.67
CA GLU A 59 11.39 0.40 2.48
C GLU A 59 12.69 1.12 2.15
N GLU A 60 12.94 1.35 0.87
CA GLU A 60 14.21 1.97 0.51
C GLU A 60 14.22 3.47 0.79
N LEU A 61 13.06 4.13 0.72
CA LEU A 61 13.04 5.53 1.11
C LEU A 61 13.29 5.68 2.60
N LEU A 62 12.68 4.83 3.42
CA LEU A 62 12.88 4.94 4.86
C LEU A 62 14.31 4.61 5.25
N ARG A 63 14.92 3.63 4.57
CA ARG A 63 16.29 3.25 4.88
C ARG A 63 17.26 4.36 4.52
N GLY A 64 16.97 5.11 3.46
CA GLY A 64 17.82 6.25 3.12
C GLY A 64 19.14 5.91 2.51
N GLU A 65 19.43 4.63 2.26
CA GLU A 65 20.75 4.24 1.75
C GLU A 65 20.86 4.38 0.23
N MET A 66 19.79 4.09 -0.51
CA MET A 66 19.84 4.14 -1.97
C MET A 66 19.50 5.55 -2.48
N SER A 67 20.14 5.93 -3.58
CA SER A 67 19.71 7.14 -4.28
C SER A 67 18.47 6.86 -5.13
N GLN A 68 17.79 7.94 -5.52
CA GLN A 68 16.61 7.79 -6.37
C GLN A 68 16.96 7.09 -7.68
N ARG A 69 18.12 7.43 -8.24
CA ARG A 69 18.64 6.75 -9.43
C ARG A 69 18.78 5.25 -9.19
N GLU A 70 19.45 4.88 -8.09
CA GLU A 70 19.62 3.47 -7.79
C GLU A 70 18.27 2.81 -7.58
N LEU A 71 17.37 3.49 -6.88
CA LEU A 71 16.04 2.92 -6.64
C LEU A 71 15.28 2.70 -7.94
N LYS A 72 15.30 3.70 -8.83
CA LYS A 72 14.67 3.55 -10.13
C LYS A 72 15.19 2.31 -10.86
N ASN A 73 16.51 2.15 -10.92
CA ASN A 73 17.10 1.02 -11.64
C ASN A 73 16.72 -0.31 -11.00
N GLU A 74 16.85 -0.40 -9.67
CA GLU A 74 16.62 -1.66 -8.98
C GLU A 74 15.19 -2.13 -9.15
N LEU A 75 14.24 -1.20 -9.09
CA LEU A 75 12.83 -1.52 -9.06
C LEU A 75 12.16 -1.39 -10.43
N GLY A 76 12.82 -0.74 -11.39
CA GLY A 76 12.18 -0.46 -12.66
C GLY A 76 11.00 0.48 -12.51
N ALA A 77 11.04 1.37 -11.52
CA ALA A 77 10.00 2.36 -11.28
C ALA A 77 10.56 3.74 -11.55
N GLY A 78 9.79 4.56 -12.26
CA GLY A 78 10.23 5.88 -12.62
C GLY A 78 10.32 6.81 -11.43
N ILE A 79 10.97 7.94 -11.67
CA ILE A 79 11.15 8.92 -10.60
C ILE A 79 9.81 9.45 -10.11
N ALA A 80 8.86 9.66 -11.01
CA ALA A 80 7.56 10.17 -10.57
C ALA A 80 6.90 9.24 -9.57
N THR A 81 7.04 7.92 -9.76
CA THR A 81 6.45 6.96 -8.82
C THR A 81 7.18 6.97 -7.48
N ILE A 82 8.51 7.09 -7.51
CA ILE A 82 9.27 7.17 -6.27
C ILE A 82 8.88 8.43 -5.50
N THR A 83 8.78 9.57 -6.20
CA THR A 83 8.38 10.81 -5.52
C THR A 83 6.95 10.71 -4.97
N ARG A 84 6.05 10.05 -5.70
CA ARG A 84 4.71 9.84 -5.14
C ARG A 84 4.78 9.00 -3.88
N GLY A 85 5.71 8.04 -3.83
CA GLY A 85 5.87 7.24 -2.63
C GLY A 85 6.38 8.05 -1.47
N SER A 86 7.32 8.96 -1.74
CA SER A 86 7.86 9.82 -0.70
C SER A 86 6.77 10.72 -0.13
N ASN A 87 6.00 11.34 -1.03
CA ASN A 87 4.84 12.14 -0.63
C ASN A 87 3.85 11.32 0.17
N SER A 88 3.58 10.09 -0.26
CA SER A 88 2.64 9.26 0.45
C SER A 88 3.13 8.93 1.86
N LEU A 89 4.42 8.65 2.00
CA LEU A 89 4.97 8.46 3.35
C LEU A 89 4.77 9.70 4.20
N LYS A 90 5.09 10.87 3.65
CA LYS A 90 4.99 12.10 4.44
C LYS A 90 3.56 12.41 4.86
N ALA A 91 2.56 11.98 4.09
CA ALA A 91 1.16 12.17 4.41
C ALA A 91 0.66 11.18 5.46
N ALA A 92 1.35 10.09 5.64
CA ALA A 92 0.94 9.06 6.57
C ALA A 92 1.26 9.49 8.00
N PRO A 93 0.57 8.92 8.97
CA PRO A 93 0.84 9.26 10.37
C PRO A 93 2.23 8.86 10.82
N VAL A 94 2.79 9.66 11.75
CA VAL A 94 4.14 9.38 12.25
C VAL A 94 4.21 8.00 12.90
N GLU A 95 3.15 7.59 13.61
CA GLU A 95 3.16 6.28 14.24
C GLU A 95 3.38 5.17 13.22
N LEU A 96 2.76 5.30 12.04
CA LEU A 96 3.00 4.29 11.02
C LEU A 96 4.43 4.36 10.50
N ARG A 97 4.91 5.56 10.19
CA ARG A 97 6.27 5.67 9.66
C ARG A 97 7.29 5.11 10.64
N GLN A 98 7.12 5.41 11.92
CA GLN A 98 8.07 4.90 12.91
C GLN A 98 7.95 3.38 13.05
N TRP A 99 6.72 2.84 13.03
CA TRP A 99 6.59 1.39 13.07
C TRP A 99 7.32 0.73 11.89
N LEU A 100 7.17 1.29 10.69
CA LEU A 100 7.84 0.72 9.53
C LEU A 100 9.36 0.79 9.69
N GLU A 101 9.86 1.90 10.22
CA GLU A 101 11.30 2.03 10.43
C GLU A 101 11.78 0.99 11.41
N GLU A 102 11.02 0.79 12.49
CA GLU A 102 11.40 -0.18 13.50
C GLU A 102 11.34 -1.61 12.99
N VAL A 103 10.30 -1.97 12.22
CA VAL A 103 10.22 -3.28 11.61
C VAL A 103 11.42 -3.56 10.72
N LEU A 104 11.82 -2.56 9.92
CA LEU A 104 12.98 -2.74 9.05
C LEU A 104 14.25 -2.89 9.87
N LEU A 105 14.41 -2.03 10.88
CA LEU A 105 15.62 -2.07 11.68
C LEU A 105 15.84 -3.45 12.26
N LYS A 106 14.78 -4.02 12.83
CA LYS A 106 14.92 -5.32 13.47
C LYS A 106 15.20 -6.41 12.45
N SER A 107 14.64 -6.30 11.23
CA SER A 107 14.81 -7.33 10.23
C SER A 107 16.24 -7.43 9.71
N ASP A 108 17.10 -6.47 10.03
CA ASP A 108 18.49 -6.52 9.57
C ASP A 108 19.36 -7.45 10.43
#